data_1T1J
#
_entry.id   1T1J
#
_cell.length_a   66.500
_cell.length_b   66.500
_cell.length_c   116.700
_cell.angle_alpha   90.00
_cell.angle_beta   90.00
_cell.angle_gamma   120.00
#
_symmetry.space_group_name_H-M   'P 31 2 1'
#
loop_
_entity.id
_entity.type
_entity.pdbx_description
1 polymer 'hypothetical protein'
2 water water
#
_entity_poly.entity_id   1
_entity_poly.type   'polypeptide(L)'
_entity_poly.pdbx_seq_one_letter_code
;NLYFQGHMRKIFLACPYSHADAEVVEQRFRACNEVAATIVRAGHVVFSQVSMSHPINLCLAELDRAAIGRLWAPVDAFYM
DHLEELIVLDLPGWRDSAGIRREMEFFEAGGQRVSLWSEVEHEFR
;
_entity_poly.pdbx_strand_id   A,B
#
# COMPACT_ATOMS: atom_id res chain seq x y z
N HIS A 7 -16.24 23.69 -36.90
CA HIS A 7 -15.31 24.30 -35.90
C HIS A 7 -14.70 23.31 -34.89
N MET A 8 -13.99 22.32 -35.45
CA MET A 8 -13.28 21.31 -34.68
C MET A 8 -11.94 21.94 -34.25
N ARG A 9 -11.74 22.10 -32.95
CA ARG A 9 -10.53 22.74 -32.46
C ARG A 9 -9.38 21.73 -32.38
N LYS A 10 -8.14 22.24 -32.36
CA LYS A 10 -6.92 21.42 -32.30
C LYS A 10 -6.18 22.00 -31.09
N ILE A 11 -6.42 21.35 -29.95
CA ILE A 11 -5.96 21.82 -28.66
C ILE A 11 -4.78 21.13 -28.04
N PHE A 12 -3.78 21.92 -27.67
CA PHE A 12 -2.65 21.36 -26.90
C PHE A 12 -3.16 21.62 -25.48
N LEU A 13 -3.34 20.56 -24.69
CA LEU A 13 -3.80 20.69 -23.29
C LEU A 13 -2.61 20.51 -22.34
N ALA A 14 -2.21 21.62 -21.70
CA ALA A 14 -1.08 21.60 -20.79
C ALA A 14 -1.58 21.50 -19.37
N CYS A 15 -0.71 21.07 -18.48
CA CYS A 15 -1.09 20.85 -17.09
C CYS A 15 0.14 20.80 -16.22
N PRO A 16 0.07 21.32 -14.97
CA PRO A 16 1.30 21.21 -14.19
C PRO A 16 1.54 19.73 -13.92
N TYR A 17 2.81 19.31 -13.85
CA TYR A 17 3.07 17.90 -13.65
C TYR A 17 4.04 17.57 -12.48
N SER A 18 5.33 17.78 -12.71
CA SER A 18 6.39 17.51 -11.73
C SER A 18 6.05 18.04 -10.35
N HIS A 19 6.30 17.21 -9.36
CA HIS A 19 6.08 17.55 -7.96
C HIS A 19 6.85 16.57 -7.09
N ALA A 20 7.28 17.04 -5.93
CA ALA A 20 8.03 16.20 -5.00
C ALA A 20 7.17 15.01 -4.58
N ASP A 21 5.90 15.28 -4.32
CA ASP A 21 4.96 14.25 -3.87
C ASP A 21 4.28 13.48 -5.02
N ALA A 22 4.61 12.21 -5.16
CA ALA A 22 4.06 11.33 -6.20
C ALA A 22 2.53 11.32 -6.26
N GLU A 23 1.88 11.51 -5.12
CA GLU A 23 0.43 11.51 -5.06
C GLU A 23 -0.13 12.74 -5.75
N VAL A 24 0.61 13.85 -5.68
CA VAL A 24 0.16 15.06 -6.32
C VAL A 24 0.26 14.90 -7.84
N VAL A 25 1.32 14.24 -8.29
CA VAL A 25 1.54 14.00 -9.72
C VAL A 25 0.39 13.14 -10.24
N GLU A 26 0.05 12.11 -9.48
CA GLU A 26 -1.02 11.21 -9.86
C GLU A 26 -2.35 12.00 -9.91
N GLN A 27 -2.60 12.86 -8.93
CA GLN A 27 -3.85 13.62 -8.92
C GLN A 27 -3.97 14.57 -10.11
N ARG A 28 -2.85 15.18 -10.48
CA ARG A 28 -2.81 16.11 -11.60
C ARG A 28 -3.11 15.30 -12.87
N PHE A 29 -2.55 14.11 -12.92
CA PHE A 29 -2.76 13.20 -14.06
C PHE A 29 -4.25 12.87 -14.21
N ARG A 30 -4.88 12.46 -13.12
CA ARG A 30 -6.30 12.09 -13.19
C ARG A 30 -7.15 13.32 -13.54
N ALA A 31 -6.76 14.49 -13.03
CA ALA A 31 -7.51 15.70 -13.33
C ALA A 31 -7.38 16.04 -14.80
N CYS A 32 -6.17 15.88 -15.34
CA CYS A 32 -5.94 16.19 -16.74
C CYS A 32 -6.74 15.22 -17.63
N ASN A 33 -6.75 13.94 -17.27
CA ASN A 33 -7.50 12.91 -18.02
C ASN A 33 -8.98 13.27 -18.13
N GLU A 34 -9.56 13.77 -17.04
CA GLU A 34 -10.98 14.18 -17.07
C GLU A 34 -11.23 15.36 -17.98
N VAL A 35 -10.35 16.37 -17.95
CA VAL A 35 -10.53 17.52 -18.82
C VAL A 35 -10.32 17.12 -20.29
N ALA A 36 -9.31 16.27 -20.54
CA ALA A 36 -9.08 15.80 -21.91
C ALA A 36 -10.34 15.05 -22.39
N ALA A 37 -10.93 14.23 -21.52
CA ALA A 37 -12.15 13.50 -21.87
C ALA A 37 -13.27 14.47 -22.27
N THR A 38 -13.39 15.57 -21.53
CA THR A 38 -14.41 16.55 -21.86
C THR A 38 -14.16 17.18 -23.22
N ILE A 39 -12.90 17.47 -23.53
CA ILE A 39 -12.59 18.06 -24.80
C ILE A 39 -12.88 17.07 -25.94
N VAL A 40 -12.52 15.81 -25.74
CA VAL A 40 -12.74 14.77 -26.75
C VAL A 40 -14.24 14.53 -26.98
N ARG A 41 -14.99 14.51 -25.89
CA ARG A 41 -16.45 14.30 -26.01
C ARG A 41 -17.07 15.42 -26.83
N ALA A 42 -16.53 16.63 -26.71
CA ALA A 42 -17.06 17.77 -27.43
C ALA A 42 -16.67 17.74 -28.91
N GLY A 43 -15.90 16.72 -29.30
CA GLY A 43 -15.52 16.52 -30.68
C GLY A 43 -14.27 17.22 -31.20
N HIS A 44 -13.36 17.59 -30.31
CA HIS A 44 -12.16 18.28 -30.75
C HIS A 44 -10.95 17.40 -30.70
N VAL A 45 -9.91 17.85 -31.40
CA VAL A 45 -8.64 17.11 -31.39
C VAL A 45 -7.89 17.66 -30.17
N VAL A 46 -7.34 16.79 -29.35
CA VAL A 46 -6.54 17.26 -28.23
C VAL A 46 -5.25 16.47 -28.19
N PHE A 47 -4.21 17.13 -27.66
CA PHE A 47 -2.95 16.43 -27.34
C PHE A 47 -2.91 16.71 -25.82
N SER A 48 -3.23 15.72 -24.98
CA SER A 48 -3.18 15.91 -23.53
C SER A 48 -1.79 15.43 -23.16
N GLN A 49 -0.88 16.38 -22.97
CA GLN A 49 0.52 16.05 -22.73
C GLN A 49 0.73 15.12 -21.55
N VAL A 50 0.07 15.44 -20.44
CA VAL A 50 0.25 14.63 -19.23
C VAL A 50 -0.43 13.26 -19.36
N SER A 51 -1.56 13.22 -20.05
CA SER A 51 -2.25 11.95 -20.21
C SER A 51 -1.36 10.95 -20.93
N MET A 52 -0.63 11.38 -21.99
CA MET A 52 0.22 10.44 -22.73
C MET A 52 1.56 10.24 -22.03
N SER A 53 2.14 11.31 -21.47
CA SER A 53 3.48 11.13 -20.90
C SER A 53 3.60 10.47 -19.55
N HIS A 54 2.63 10.68 -18.67
CA HIS A 54 2.73 10.06 -17.35
C HIS A 54 2.90 8.54 -17.36
N PRO A 55 2.04 7.81 -18.13
CA PRO A 55 2.16 6.36 -18.16
C PRO A 55 3.48 5.93 -18.75
N ILE A 56 4.00 6.74 -19.67
CA ILE A 56 5.29 6.45 -20.28
C ILE A 56 6.42 6.78 -19.27
N ASN A 57 6.29 7.89 -18.55
CA ASN A 57 7.31 8.30 -17.58
C ASN A 57 7.47 7.27 -16.49
N LEU A 58 6.39 6.55 -16.20
CA LEU A 58 6.48 5.52 -15.18
C LEU A 58 7.44 4.42 -15.64
N CYS A 59 7.71 4.36 -16.94
CA CYS A 59 8.61 3.34 -17.44
C CYS A 59 10.04 3.85 -17.55
N LEU A 60 10.25 5.12 -17.18
CA LEU A 60 11.57 5.74 -17.23
C LEU A 60 11.99 6.09 -15.80
N ALA A 61 11.72 5.17 -14.87
CA ALA A 61 12.04 5.40 -13.47
C ALA A 61 13.51 5.69 -13.21
N GLU A 62 14.38 5.13 -14.06
CA GLU A 62 15.82 5.33 -13.91
C GLU A 62 16.27 6.79 -14.10
N LEU A 63 15.46 7.60 -14.77
CA LEU A 63 15.83 9.00 -15.02
C LEU A 63 15.22 9.94 -13.98
N ASP A 64 15.84 11.10 -13.77
CA ASP A 64 15.26 12.03 -12.81
C ASP A 64 14.44 13.10 -13.51
N ARG A 65 13.54 13.68 -12.74
CA ARG A 65 12.62 14.73 -13.20
C ARG A 65 13.16 15.67 -14.28
N ALA A 66 14.34 16.22 -14.03
CA ALA A 66 14.97 17.14 -14.96
C ALA A 66 15.29 16.44 -16.29
N ALA A 67 15.85 15.24 -16.19
CA ALA A 67 16.20 14.50 -17.40
C ALA A 67 14.95 14.23 -18.24
N ILE A 68 13.86 13.82 -17.58
CA ILE A 68 12.62 13.54 -18.29
C ILE A 68 12.14 14.79 -19.06
N GLY A 69 12.08 15.92 -18.36
CA GLY A 69 11.66 17.16 -19.00
C GLY A 69 12.39 17.41 -20.31
N ARG A 70 13.69 17.12 -20.33
CA ARG A 70 14.46 17.35 -21.54
C ARG A 70 14.15 16.34 -22.64
N LEU A 71 13.91 15.08 -22.27
CA LEU A 71 13.58 14.07 -23.28
C LEU A 71 12.29 14.47 -23.99
N TRP A 72 11.32 14.97 -23.24
CA TRP A 72 10.05 15.35 -23.82
C TRP A 72 10.07 16.64 -24.61
N ALA A 73 11.04 17.52 -24.36
CA ALA A 73 11.05 18.80 -25.08
C ALA A 73 10.84 18.73 -26.58
N PRO A 74 11.69 17.99 -27.33
CA PRO A 74 11.44 17.96 -28.76
C PRO A 74 10.17 17.21 -29.14
N VAL A 75 9.70 16.33 -28.27
CA VAL A 75 8.47 15.61 -28.57
C VAL A 75 7.31 16.56 -28.36
N ASP A 76 7.31 17.31 -27.25
CA ASP A 76 6.24 18.26 -27.05
C ASP A 76 6.23 19.31 -28.19
N ALA A 77 7.40 19.70 -28.69
CA ALA A 77 7.48 20.70 -29.77
C ALA A 77 6.77 20.23 -31.05
N PHE A 78 6.82 18.94 -31.33
CA PHE A 78 6.14 18.42 -32.52
C PHE A 78 4.66 18.72 -32.40
N TYR A 79 4.13 18.54 -31.19
CA TYR A 79 2.70 18.75 -31.00
C TYR A 79 2.38 20.22 -30.98
N MET A 80 3.22 21.02 -30.32
CA MET A 80 3.01 22.47 -30.32
C MET A 80 2.90 22.98 -31.75
N ASP A 81 3.80 22.47 -32.60
CA ASP A 81 3.90 22.89 -33.98
C ASP A 81 2.67 22.59 -34.83
N HIS A 82 2.00 21.48 -34.55
CA HIS A 82 0.85 21.11 -35.35
C HIS A 82 -0.51 21.45 -34.80
N LEU A 83 -0.58 21.93 -33.57
CA LEU A 83 -1.89 22.27 -32.97
C LEU A 83 -2.20 23.76 -33.08
N GLU A 84 -3.45 24.14 -32.85
CA GLU A 84 -3.87 25.53 -33.07
C GLU A 84 -4.07 26.46 -31.90
N GLU A 85 -4.27 25.89 -30.73
CA GLU A 85 -4.48 26.71 -29.54
C GLU A 85 -3.99 25.95 -28.32
N LEU A 86 -3.78 26.67 -27.23
CA LEU A 86 -3.32 26.09 -25.98
C LEU A 86 -4.32 26.31 -24.87
N ILE A 87 -4.63 25.24 -24.16
CA ILE A 87 -5.48 25.38 -22.99
C ILE A 87 -4.63 24.91 -21.82
N VAL A 88 -4.48 25.75 -20.81
CA VAL A 88 -3.73 25.36 -19.62
C VAL A 88 -4.69 24.93 -18.51
N LEU A 89 -4.55 23.71 -18.03
CA LEU A 89 -5.43 23.24 -16.96
C LEU A 89 -4.79 23.87 -15.72
N ASP A 90 -5.41 24.96 -15.27
CA ASP A 90 -4.83 25.71 -14.17
C ASP A 90 -5.03 25.21 -12.75
N LEU A 91 -4.48 24.02 -12.48
CA LEU A 91 -4.53 23.45 -11.14
C LEU A 91 -3.42 24.16 -10.34
N PRO A 92 -3.45 24.01 -9.01
CA PRO A 92 -2.44 24.63 -8.14
C PRO A 92 -1.03 24.24 -8.60
N GLY A 93 -0.16 25.24 -8.76
CA GLY A 93 1.21 24.96 -9.18
C GLY A 93 1.46 25.26 -10.64
N TRP A 94 0.40 25.58 -11.37
CA TRP A 94 0.50 25.86 -12.79
C TRP A 94 1.40 27.04 -13.14
N ARG A 95 1.48 28.03 -12.24
CA ARG A 95 2.35 29.19 -12.49
C ARG A 95 3.82 28.88 -12.30
N ASP A 96 4.13 27.75 -11.67
CA ASP A 96 5.52 27.34 -11.43
C ASP A 96 5.96 26.20 -12.33
N SER A 97 5.13 25.83 -13.30
CA SER A 97 5.46 24.72 -14.19
C SER A 97 6.33 25.14 -15.36
N ALA A 98 7.38 24.36 -15.61
CA ALA A 98 8.32 24.61 -16.70
C ALA A 98 7.64 24.40 -18.04
N GLY A 99 7.00 23.25 -18.18
CA GLY A 99 6.32 22.98 -19.43
C GLY A 99 5.35 24.10 -19.74
N ILE A 100 4.55 24.48 -18.75
CA ILE A 100 3.56 25.51 -19.00
C ILE A 100 4.05 26.88 -19.45
N ARG A 101 5.08 27.42 -18.80
CA ARG A 101 5.57 28.75 -19.20
C ARG A 101 6.01 28.73 -20.65
N ARG A 102 6.73 27.69 -20.99
CA ARG A 102 7.26 27.50 -22.33
C ARG A 102 6.14 27.44 -23.39
N GLU A 103 5.15 26.60 -23.13
CA GLU A 103 4.01 26.43 -24.04
C GLU A 103 3.21 27.72 -24.20
N MET A 104 2.95 28.43 -23.10
CA MET A 104 2.22 29.68 -23.18
C MET A 104 2.99 30.68 -24.04
N GLU A 105 4.30 30.73 -23.85
CA GLU A 105 5.14 31.65 -24.59
C GLU A 105 5.15 31.30 -26.08
N PHE A 106 5.30 30.02 -26.38
CA PHE A 106 5.32 29.55 -27.75
C PHE A 106 4.04 29.90 -28.50
N PHE A 107 2.88 29.57 -27.90
CA PHE A 107 1.61 29.81 -28.56
C PHE A 107 1.32 31.29 -28.64
N GLU A 108 1.57 31.99 -27.55
CA GLU A 108 1.37 33.42 -27.49
C GLU A 108 2.18 34.17 -28.57
N ALA A 109 3.48 33.93 -28.61
CA ALA A 109 4.35 34.60 -29.58
C ALA A 109 3.94 34.33 -31.01
N GLY A 110 3.37 33.14 -31.25
CA GLY A 110 2.95 32.80 -32.60
C GLY A 110 1.61 33.36 -33.01
N GLY A 111 0.97 34.10 -32.12
CA GLY A 111 -0.33 34.69 -32.40
C GLY A 111 -1.48 33.72 -32.24
N GLN A 112 -1.23 32.63 -31.53
CA GLN A 112 -2.26 31.62 -31.31
C GLN A 112 -2.97 31.81 -29.98
N ARG A 113 -4.20 31.31 -29.88
CA ARG A 113 -4.98 31.47 -28.65
C ARG A 113 -4.44 30.67 -27.48
N VAL A 114 -4.44 31.31 -26.30
CA VAL A 114 -3.96 30.67 -25.07
C VAL A 114 -5.07 30.94 -24.05
N SER A 115 -5.58 29.89 -23.41
CA SER A 115 -6.64 30.05 -22.40
C SER A 115 -6.33 29.22 -21.17
N LEU A 116 -6.96 29.56 -20.03
CA LEU A 116 -6.88 28.80 -18.80
C LEU A 116 -8.18 27.99 -18.82
N TRP A 117 -8.14 26.73 -18.37
CA TRP A 117 -9.33 25.88 -18.37
C TRP A 117 -10.44 26.52 -17.55
N SER A 118 -10.06 27.13 -16.42
CA SER A 118 -11.07 27.80 -15.58
C SER A 118 -11.84 28.85 -16.38
N GLU A 119 -11.19 29.48 -17.35
CA GLU A 119 -11.86 30.52 -18.15
C GLU A 119 -12.63 30.01 -19.36
N VAL A 120 -12.29 28.83 -19.88
CA VAL A 120 -12.99 28.35 -21.08
C VAL A 120 -13.75 27.03 -20.95
N GLU A 121 -13.78 26.46 -19.75
CA GLU A 121 -14.50 25.21 -19.52
C GLU A 121 -15.93 25.26 -20.10
N HIS A 122 -16.58 26.42 -20.00
CA HIS A 122 -17.94 26.57 -20.50
C HIS A 122 -18.07 26.40 -22.02
N GLU A 123 -16.97 26.55 -22.74
CA GLU A 123 -17.05 26.39 -24.18
C GLU A 123 -17.19 24.93 -24.59
N PHE A 124 -17.03 24.01 -23.63
CA PHE A 124 -17.09 22.56 -23.93
C PHE A 124 -18.24 21.87 -23.19
N ARG A 125 -19.15 22.67 -22.66
CA ARG A 125 -20.27 22.16 -21.87
C ARG A 125 -20.63 23.25 -20.89
N ASN B 1 -19.62 -16.21 0.13
CA ASN B 1 -18.21 -16.55 0.35
C ASN B 1 -17.64 -15.89 1.62
N LEU B 2 -18.52 -15.40 2.51
CA LEU B 2 -18.02 -14.77 3.75
C LEU B 2 -17.16 -15.72 4.56
N TYR B 3 -17.56 -16.98 4.57
CA TYR B 3 -16.83 -17.95 5.33
C TYR B 3 -15.74 -18.70 4.53
N PHE B 4 -15.42 -18.22 3.32
CA PHE B 4 -14.39 -18.85 2.46
C PHE B 4 -12.99 -18.62 3.04
N GLN B 5 -12.18 -19.64 3.21
CA GLN B 5 -10.89 -19.27 3.76
C GLN B 5 -9.74 -19.89 3.00
N GLY B 6 -9.99 -20.22 1.73
CA GLY B 6 -8.97 -20.80 0.88
C GLY B 6 -7.72 -19.94 0.73
N HIS B 7 -7.89 -18.62 0.67
CA HIS B 7 -6.81 -17.65 0.51
C HIS B 7 -6.22 -17.18 1.83
N MET B 8 -6.80 -17.60 2.95
CA MET B 8 -6.30 -17.15 4.25
C MET B 8 -5.18 -17.98 4.81
N ARG B 9 -4.25 -17.31 5.48
CA ARG B 9 -3.20 -18.07 6.17
C ARG B 9 -3.89 -18.72 7.37
N LYS B 10 -3.36 -19.86 7.84
CA LYS B 10 -3.96 -20.58 8.99
C LYS B 10 -2.75 -20.62 9.98
N ILE B 11 -2.75 -19.68 10.90
CA ILE B 11 -1.62 -19.48 11.79
C ILE B 11 -1.77 -19.91 13.23
N PHE B 12 -0.80 -20.67 13.72
CA PHE B 12 -0.75 -20.97 15.16
C PHE B 12 0.18 -19.86 15.66
N LEU B 13 -0.32 -18.95 16.52
CA LEU B 13 0.52 -17.86 17.06
C LEU B 13 0.99 -18.27 18.46
N ALA B 14 2.27 -18.53 18.58
CA ALA B 14 2.87 -18.95 19.85
C ALA B 14 3.55 -17.72 20.45
N CYS B 15 3.76 -17.76 21.76
CA CYS B 15 4.37 -16.60 22.43
C CYS B 15 4.91 -17.08 23.79
N PRO B 16 6.07 -16.59 24.22
CA PRO B 16 6.57 -17.03 25.53
C PRO B 16 5.52 -16.66 26.55
N TYR B 17 5.39 -17.44 27.60
CA TYR B 17 4.32 -17.17 28.54
C TYR B 17 4.77 -17.20 29.98
N SER B 18 5.05 -18.40 30.48
CA SER B 18 5.42 -18.62 31.88
C SER B 18 6.57 -17.80 32.36
N HIS B 19 6.40 -17.24 33.55
CA HIS B 19 7.46 -16.46 34.16
C HIS B 19 7.17 -16.39 35.64
N ALA B 20 8.22 -16.16 36.43
CA ALA B 20 8.02 -16.07 37.88
C ALA B 20 7.17 -14.86 38.25
N ASP B 21 7.32 -13.77 37.49
CA ASP B 21 6.59 -12.54 37.73
C ASP B 21 5.26 -12.51 36.96
N ALA B 22 4.13 -12.55 37.66
CA ALA B 22 2.82 -12.53 36.99
C ALA B 22 2.65 -11.29 36.12
N GLU B 23 3.38 -10.21 36.42
CA GLU B 23 3.22 -9.04 35.60
C GLU B 23 3.88 -9.23 34.23
N VAL B 24 4.93 -10.04 34.15
CA VAL B 24 5.59 -10.31 32.87
C VAL B 24 4.59 -11.18 32.08
N VAL B 25 3.95 -12.15 32.74
CA VAL B 25 3.00 -13.00 32.03
C VAL B 25 1.86 -12.13 31.46
N GLU B 26 1.37 -11.16 32.23
CA GLU B 26 0.29 -10.30 31.80
C GLU B 26 0.70 -9.42 30.61
N GLN B 27 1.96 -8.95 30.63
CA GLN B 27 2.51 -8.10 29.58
C GLN B 27 2.59 -8.93 28.27
N ARG B 28 2.97 -10.21 28.40
CA ARG B 28 3.08 -11.10 27.24
C ARG B 28 1.70 -11.35 26.62
N PHE B 29 0.70 -11.57 27.48
CA PHE B 29 -0.68 -11.75 27.04
C PHE B 29 -1.15 -10.52 26.25
N ARG B 30 -0.99 -9.33 26.81
CA ARG B 30 -1.43 -8.13 26.09
C ARG B 30 -0.68 -7.94 24.77
N ALA B 31 0.61 -8.24 24.74
CA ALA B 31 1.38 -8.11 23.50
C ALA B 31 0.87 -9.12 22.45
N CYS B 32 0.58 -10.32 22.90
CA CYS B 32 0.06 -11.38 22.00
C CYS B 32 -1.31 -10.98 21.48
N ASN B 33 -2.13 -10.41 22.33
CA ASN B 33 -3.45 -9.94 21.90
C ASN B 33 -3.37 -8.93 20.75
N GLU B 34 -2.44 -7.99 20.87
CA GLU B 34 -2.24 -6.95 19.84
C GLU B 34 -1.82 -7.56 18.50
N VAL B 35 -0.89 -8.51 18.55
CA VAL B 35 -0.41 -9.15 17.30
C VAL B 35 -1.54 -10.00 16.68
N ALA B 36 -2.29 -10.73 17.52
CA ALA B 36 -3.41 -11.54 17.04
C ALA B 36 -4.44 -10.61 16.37
N ALA B 37 -4.67 -9.42 16.96
CA ALA B 37 -5.63 -8.47 16.39
C ALA B 37 -5.14 -7.99 15.01
N THR B 38 -3.83 -7.77 14.86
CA THR B 38 -3.29 -7.34 13.56
C THR B 38 -3.54 -8.43 12.50
N ILE B 39 -3.31 -9.68 12.91
CA ILE B 39 -3.49 -10.82 11.98
C ILE B 39 -4.94 -10.99 11.55
N VAL B 40 -5.86 -10.90 12.50
CA VAL B 40 -7.29 -11.02 12.22
C VAL B 40 -7.77 -9.85 11.34
N ARG B 41 -7.32 -8.65 11.66
CA ARG B 41 -7.68 -7.47 10.88
C ARG B 41 -7.20 -7.65 9.44
N ALA B 42 -6.04 -8.27 9.27
CA ALA B 42 -5.45 -8.53 7.94
C ALA B 42 -6.17 -9.62 7.15
N GLY B 43 -7.11 -10.31 7.78
CA GLY B 43 -7.89 -11.32 7.06
C GLY B 43 -7.35 -12.72 7.05
N HIS B 44 -6.84 -13.18 8.19
CA HIS B 44 -6.30 -14.54 8.28
C HIS B 44 -6.81 -15.24 9.49
N VAL B 45 -6.72 -16.56 9.44
CA VAL B 45 -7.13 -17.40 10.57
C VAL B 45 -5.97 -17.48 11.56
N VAL B 46 -6.26 -17.28 12.85
CA VAL B 46 -5.20 -17.42 13.84
C VAL B 46 -5.72 -18.16 15.07
N PHE B 47 -4.83 -18.93 15.67
CA PHE B 47 -5.14 -19.54 16.95
C PHE B 47 -4.06 -18.85 17.82
N SER B 48 -4.48 -17.88 18.63
CA SER B 48 -3.55 -17.16 19.49
C SER B 48 -3.62 -17.94 20.77
N GLN B 49 -2.65 -18.82 20.94
CA GLN B 49 -2.63 -19.75 22.08
C GLN B 49 -2.71 -19.03 23.42
N VAL B 50 -1.93 -17.97 23.56
CA VAL B 50 -1.91 -17.24 24.83
C VAL B 50 -3.18 -16.42 25.02
N SER B 51 -3.70 -15.85 23.93
CA SER B 51 -4.94 -15.06 24.04
C SER B 51 -6.08 -15.92 24.60
N MET B 52 -6.19 -17.17 24.13
CA MET B 52 -7.28 -17.99 24.63
C MET B 52 -6.95 -18.64 25.96
N SER B 53 -5.71 -19.08 26.15
CA SER B 53 -5.45 -19.81 27.40
C SER B 53 -5.30 -18.97 28.66
N HIS B 54 -4.73 -17.79 28.53
CA HIS B 54 -4.47 -16.98 29.73
C HIS B 54 -5.73 -16.70 30.57
N PRO B 55 -6.83 -16.23 29.95
CA PRO B 55 -8.04 -15.97 30.76
C PRO B 55 -8.57 -17.23 31.42
N ILE B 56 -8.42 -18.35 30.74
CA ILE B 56 -8.88 -19.62 31.29
C ILE B 56 -7.93 -20.06 32.41
N ASN B 57 -6.63 -19.83 32.23
CA ASN B 57 -5.63 -20.19 33.24
C ASN B 57 -5.88 -19.45 34.55
N LEU B 58 -6.41 -18.24 34.46
CA LEU B 58 -6.70 -17.47 35.67
C LEU B 58 -7.78 -18.19 36.46
N CYS B 59 -8.59 -19.01 35.80
CA CYS B 59 -9.62 -19.79 36.48
C CYS B 59 -9.11 -21.14 36.99
N LEU B 60 -7.90 -21.54 36.59
CA LEU B 60 -7.32 -22.82 36.99
C LEU B 60 -6.29 -22.60 38.10
N ALA B 61 -6.50 -21.58 38.92
CA ALA B 61 -5.57 -21.22 39.98
C ALA B 61 -5.32 -22.32 41.01
N GLU B 62 -6.17 -23.32 41.05
CA GLU B 62 -5.98 -24.41 41.99
C GLU B 62 -4.88 -25.36 41.51
N LEU B 63 -4.50 -25.27 40.24
CA LEU B 63 -3.47 -26.16 39.71
C LEU B 63 -2.11 -25.48 39.59
N ASP B 64 -1.02 -26.24 39.62
CA ASP B 64 0.26 -25.57 39.43
C ASP B 64 0.60 -25.56 37.95
N ARG B 65 1.67 -24.85 37.60
CA ARG B 65 2.17 -24.69 36.23
C ARG B 65 2.26 -26.01 35.45
N ALA B 66 2.88 -27.02 36.06
CA ALA B 66 3.03 -28.30 35.38
C ALA B 66 1.69 -28.95 35.08
N ALA B 67 0.75 -28.91 36.02
CA ALA B 67 -0.54 -29.54 35.79
C ALA B 67 -1.29 -28.80 34.67
N ILE B 68 -1.17 -27.48 34.66
CA ILE B 68 -1.83 -26.67 33.64
C ILE B 68 -1.22 -26.96 32.28
N GLY B 69 0.09 -27.11 32.22
CA GLY B 69 0.71 -27.43 30.92
C GLY B 69 0.28 -28.77 30.40
N ARG B 70 0.15 -29.76 31.28
CA ARG B 70 -0.28 -31.09 30.89
C ARG B 70 -1.70 -31.03 30.28
N LEU B 71 -2.57 -30.20 30.85
CA LEU B 71 -3.93 -30.08 30.35
C LEU B 71 -3.93 -29.46 28.96
N TRP B 72 -3.20 -28.37 28.77
CA TRP B 72 -3.17 -27.70 27.44
C TRP B 72 -2.45 -28.46 26.34
N ALA B 73 -1.52 -29.34 26.72
CA ALA B 73 -0.76 -30.07 25.69
C ALA B 73 -1.59 -30.69 24.52
N PRO B 74 -2.64 -31.50 24.81
CA PRO B 74 -3.38 -32.06 23.68
C PRO B 74 -4.30 -31.08 22.98
N VAL B 75 -4.61 -29.98 23.65
CA VAL B 75 -5.46 -28.97 23.04
C VAL B 75 -4.59 -28.24 22.01
N ASP B 76 -3.40 -27.83 22.44
CA ASP B 76 -2.48 -27.15 21.53
C ASP B 76 -2.15 -28.10 20.37
N ALA B 77 -1.95 -29.38 20.68
CA ALA B 77 -1.61 -30.35 19.63
C ALA B 77 -2.68 -30.46 18.56
N PHE B 78 -3.94 -30.44 19.00
CA PHE B 78 -5.07 -30.49 18.09
C PHE B 78 -5.00 -29.31 17.12
N TYR B 79 -4.81 -28.11 17.66
CA TYR B 79 -4.75 -26.94 16.75
C TYR B 79 -3.49 -26.98 15.87
N MET B 80 -2.37 -27.40 16.42
CA MET B 80 -1.17 -27.46 15.56
C MET B 80 -1.42 -28.37 14.38
N ASP B 81 -2.18 -29.44 14.61
CA ASP B 81 -2.44 -30.41 13.54
C ASP B 81 -3.27 -29.83 12.39
N HIS B 82 -4.15 -28.90 12.72
CA HIS B 82 -5.03 -28.32 11.72
C HIS B 82 -4.60 -26.98 11.16
N LEU B 83 -3.53 -26.38 11.69
CA LEU B 83 -3.06 -25.09 11.18
C LEU B 83 -1.89 -25.33 10.22
N GLU B 84 -1.62 -24.31 9.40
CA GLU B 84 -0.61 -24.44 8.37
C GLU B 84 0.75 -23.89 8.66
N GLU B 85 0.86 -22.94 9.59
CA GLU B 85 2.19 -22.38 9.84
C GLU B 85 2.25 -21.90 11.28
N LEU B 86 3.46 -21.68 11.77
CA LEU B 86 3.63 -21.23 13.16
C LEU B 86 4.34 -19.91 13.11
N ILE B 87 3.81 -18.93 13.84
CA ILE B 87 4.50 -17.63 13.95
C ILE B 87 4.74 -17.53 15.45
N VAL B 88 6.00 -17.33 15.84
CA VAL B 88 6.41 -17.13 17.24
C VAL B 88 6.57 -15.62 17.43
N LEU B 89 5.80 -15.07 18.38
CA LEU B 89 5.86 -13.64 18.72
C LEU B 89 7.13 -13.64 19.55
N ASP B 90 8.18 -13.08 18.97
CA ASP B 90 9.50 -13.15 19.59
C ASP B 90 9.80 -12.12 20.61
N LEU B 91 9.00 -12.16 21.67
CA LEU B 91 9.20 -11.25 22.82
C LEU B 91 10.41 -11.76 23.63
N PRO B 92 11.06 -10.87 24.43
CA PRO B 92 12.20 -11.35 25.22
C PRO B 92 11.83 -12.61 25.98
N GLY B 93 12.72 -13.58 25.99
CA GLY B 93 12.43 -14.84 26.67
C GLY B 93 12.02 -15.95 25.73
N TRP B 94 11.72 -15.61 24.47
CA TRP B 94 11.27 -16.66 23.57
C TRP B 94 12.35 -17.71 23.34
N ARG B 95 13.61 -17.31 23.36
CA ARG B 95 14.67 -18.28 23.12
C ARG B 95 14.87 -19.23 24.30
N ASP B 96 14.35 -18.87 25.45
CA ASP B 96 14.49 -19.72 26.64
C ASP B 96 13.28 -20.58 26.94
N SER B 97 12.24 -20.46 26.12
CA SER B 97 11.02 -21.24 26.30
C SER B 97 11.14 -22.63 25.66
N ALA B 98 11.24 -23.66 26.51
CA ALA B 98 11.32 -25.03 25.98
C ALA B 98 10.11 -25.39 25.13
N GLY B 99 8.94 -24.89 25.51
CA GLY B 99 7.70 -25.17 24.80
C GLY B 99 7.72 -24.55 23.41
N ILE B 100 8.18 -23.33 23.30
CA ILE B 100 8.24 -22.69 21.98
C ILE B 100 9.25 -23.46 21.07
N ARG B 101 10.42 -23.81 21.61
CA ARG B 101 11.37 -24.56 20.80
C ARG B 101 10.78 -25.89 20.29
N ARG B 102 10.03 -26.61 21.14
CA ARG B 102 9.43 -27.87 20.69
C ARG B 102 8.38 -27.62 19.60
N GLU B 103 7.62 -26.55 19.76
CA GLU B 103 6.60 -26.18 18.78
C GLU B 103 7.28 -25.87 17.44
N MET B 104 8.38 -25.12 17.47
CA MET B 104 9.10 -24.78 16.24
C MET B 104 9.65 -26.04 15.59
N GLU B 105 10.19 -26.97 16.39
CA GLU B 105 10.70 -28.23 15.83
C GLU B 105 9.59 -29.12 15.25
N PHE B 106 8.42 -29.16 15.89
CA PHE B 106 7.29 -29.96 15.38
C PHE B 106 6.85 -29.47 14.00
N PHE B 107 6.70 -28.15 13.82
CA PHE B 107 6.27 -27.65 12.51
C PHE B 107 7.37 -27.86 11.51
N GLU B 108 8.62 -27.56 11.90
CA GLU B 108 9.72 -27.71 10.94
C GLU B 108 9.86 -29.15 10.46
N ALA B 109 9.73 -30.09 11.40
CA ALA B 109 9.84 -31.51 11.07
C ALA B 109 8.78 -31.95 10.05
N GLY B 110 7.61 -31.30 10.08
CA GLY B 110 6.54 -31.62 9.14
C GLY B 110 6.60 -30.80 7.86
N GLY B 111 7.69 -30.07 7.65
CA GLY B 111 7.84 -29.24 6.46
C GLY B 111 6.99 -27.98 6.44
N GLN B 112 6.46 -27.57 7.60
CA GLN B 112 5.62 -26.35 7.63
C GLN B 112 6.41 -25.14 8.05
N ARG B 113 5.98 -23.98 7.56
CA ARG B 113 6.70 -22.72 7.83
C ARG B 113 6.69 -22.32 9.29
N VAL B 114 7.86 -21.87 9.77
CA VAL B 114 8.04 -21.40 11.15
C VAL B 114 8.74 -20.04 11.04
N SER B 115 8.09 -18.99 11.49
CA SER B 115 8.64 -17.63 11.36
C SER B 115 8.56 -16.90 12.68
N LEU B 116 9.40 -15.89 12.85
CA LEU B 116 9.31 -15.00 14.05
C LEU B 116 8.50 -13.79 13.60
N TRP B 117 7.65 -13.27 14.49
CA TRP B 117 6.83 -12.14 14.17
C TRP B 117 7.66 -10.96 13.66
N SER B 118 8.81 -10.69 14.30
CA SER B 118 9.61 -9.56 13.84
C SER B 118 10.01 -9.70 12.35
N GLU B 119 10.19 -10.92 11.90
CA GLU B 119 10.58 -11.21 10.50
C GLU B 119 9.44 -11.12 9.50
N VAL B 120 8.20 -11.34 9.93
CA VAL B 120 7.08 -11.34 9.00
C VAL B 120 6.00 -10.34 9.21
N GLU B 121 6.14 -9.47 10.20
CA GLU B 121 5.13 -8.46 10.45
C GLU B 121 4.78 -7.68 9.19
N HIS B 122 5.79 -7.45 8.34
CA HIS B 122 5.55 -6.69 7.10
C HIS B 122 4.62 -7.43 6.12
N GLU B 123 4.44 -8.73 6.31
CA GLU B 123 3.57 -9.47 5.37
C GLU B 123 2.11 -9.21 5.62
N PHE B 124 1.80 -8.55 6.73
CA PHE B 124 0.43 -8.26 7.09
C PHE B 124 0.15 -6.77 6.93
N ARG B 125 1.04 -6.09 6.21
CA ARG B 125 0.98 -4.65 5.89
C ARG B 125 1.28 -4.44 4.39
#